data_6QR3
#
_entry.id   6QR3
#
_cell.length_a   74.870
_cell.length_b   77.106
_cell.length_c   86.663
_cell.angle_alpha   90.000
_cell.angle_beta   90.000
_cell.angle_gamma   90.000
#
_symmetry.space_group_name_H-M   'P 21 21 21'
#
loop_
_entity.id
_entity.type
_entity.pdbx_description
1 polymer 'tRNA (guanine-N(1)-)-methyltransferase'
2 non-polymer 5-azanyl-3-[1-[[(3~{S})-1-methylpiperidin-3-yl]methyl]indol-6-yl]-1~{H}-pyrazole-4-carbonitrile
3 non-polymer 'SULFATE ION'
4 water water
#
_entity_poly.entity_id   1
_entity_poly.type   'polypeptide(L)'
_entity_poly.pdbx_seq_one_letter_code
;GSMKIDVVTIFPEYLQPVRQSLPGKAIDAGLVDVAVHDLRRWTHDVHKSVDDSPYGGGPGMVMKPTVWGDALDEICTSET
LLVVPTPAGYPFTQETAWQWSTEDHLVIACGRYEGIDQRVADDAATRMRVREVSIGDYVLNGGEAAALVIIEAVLRLVPG
VLGNALSAQEDSHSEGMASLLEGPSYTRPPSWRGMDVPPVLLSGDHAKIAAWRAEQSRQRTIERRPDLLGFDSPTGEHGG
DGLS
;
_entity_poly.pdbx_strand_id   A,B
#
loop_
_chem_comp.id
_chem_comp.type
_chem_comp.name
_chem_comp.formula
JE8 non-polymer 5-azanyl-3-[1-[[(3~{S})-1-methylpiperidin-3-yl]methyl]indol-6-yl]-1~{H}-pyrazole-4-carbonitrile 'C19 H22 N6'
SO4 non-polymer 'SULFATE ION' 'O4 S -2'
#
# COMPACT_ATOMS: atom_id res chain seq x y z
C GLY A 1 20.58 0.19 -11.06
N SER A 2 20.95 1.38 -10.62
CA SER A 2 21.60 1.56 -9.33
C SER A 2 20.88 2.62 -8.51
N MET A 3 20.16 2.17 -7.49
CA MET A 3 19.36 3.09 -6.66
C MET A 3 19.67 2.96 -5.19
N LYS A 4 19.80 4.11 -4.52
CA LYS A 4 19.87 4.16 -3.07
C LYS A 4 18.51 4.63 -2.57
N ILE A 5 17.97 3.94 -1.57
CA ILE A 5 16.75 4.40 -0.91
C ILE A 5 17.06 4.58 0.57
N ASP A 6 16.79 5.77 1.09
CA ASP A 6 16.86 6.04 2.52
C ASP A 6 15.44 6.23 3.03
N VAL A 7 15.08 5.51 4.09
CA VAL A 7 13.77 5.68 4.70
C VAL A 7 13.98 6.27 6.08
N VAL A 8 13.21 7.32 6.40
CA VAL A 8 13.32 7.92 7.74
C VAL A 8 11.98 7.74 8.46
N THR A 9 12.03 7.21 9.68
CA THR A 9 10.83 6.77 10.37
C THR A 9 11.09 6.67 11.87
N ILE A 10 10.06 6.84 12.70
CA ILE A 10 10.24 6.55 14.12
C ILE A 10 10.02 5.07 14.42
N PHE A 11 9.68 4.29 13.39
CA PHE A 11 9.53 2.84 13.55
C PHE A 11 10.35 2.08 12.52
N PRO A 12 11.69 2.11 12.68
CA PRO A 12 12.55 1.47 11.67
C PRO A 12 12.28 -0.02 11.53
N GLU A 13 11.84 -0.68 12.60
CA GLU A 13 11.56 -2.11 12.53
C GLU A 13 10.40 -2.40 11.58
N TYR A 14 9.56 -1.41 11.30
CA TYR A 14 8.46 -1.63 10.37
C TYR A 14 8.96 -1.81 8.94
N LEU A 15 10.17 -1.36 8.65
CA LEU A 15 10.68 -1.48 7.29
C LEU A 15 11.42 -2.81 7.08
N GLN A 16 11.35 -3.67 8.09
CA GLN A 16 11.92 -5.03 8.01
C GLN A 16 11.50 -5.85 6.79
N PRO A 17 10.22 -5.78 6.36
CA PRO A 17 9.88 -6.63 5.20
C PRO A 17 10.63 -6.27 3.93
N VAL A 18 11.08 -5.03 3.81
CA VAL A 18 11.81 -4.61 2.62
C VAL A 18 13.18 -5.27 2.57
N ARG A 19 13.92 -5.20 3.67
CA ARG A 19 15.25 -5.81 3.69
C ARG A 19 15.11 -7.34 3.63
N GLN A 20 13.94 -7.84 4.00
CA GLN A 20 13.64 -9.26 3.85
C GLN A 20 13.41 -9.63 2.38
N SER A 21 12.99 -8.67 1.57
CA SER A 21 12.64 -8.98 0.19
CA SER A 21 12.62 -8.92 0.18
C SER A 21 13.78 -8.72 -0.79
N LEU A 22 14.90 -8.17 -0.28
CA LEU A 22 16.05 -7.86 -1.16
C LEU A 22 16.98 -9.06 -1.36
N PRO A 23 17.11 -9.52 -2.62
CA PRO A 23 18.03 -10.59 -3.04
C PRO A 23 19.49 -10.20 -2.86
N GLY A 24 20.32 -11.18 -2.48
CA GLY A 24 21.73 -10.94 -2.30
C GLY A 24 22.42 -10.50 -3.58
N LYS A 25 22.01 -11.11 -4.70
CA LYS A 25 22.59 -10.82 -6.00
C LYS A 25 22.50 -9.34 -6.36
N ALA A 26 21.34 -8.73 -6.09
CA ALA A 26 21.13 -7.33 -6.43
C ALA A 26 21.95 -6.41 -5.52
N ILE A 27 22.02 -6.75 -4.24
CA ILE A 27 22.79 -5.96 -3.28
C ILE A 27 24.29 -6.07 -3.59
N ASP A 28 24.74 -7.30 -3.80
CA ASP A 28 26.15 -7.56 -4.08
C ASP A 28 26.59 -6.96 -5.42
N ALA A 29 25.66 -6.86 -6.36
CA ALA A 29 25.96 -6.25 -7.65
C ALA A 29 25.92 -4.73 -7.59
N GLY A 30 25.51 -4.19 -6.44
CA GLY A 30 25.42 -2.75 -6.26
C GLY A 30 24.26 -2.11 -7.01
N LEU A 31 23.21 -2.88 -7.25
CA LEU A 31 22.03 -2.37 -7.94
C LEU A 31 21.13 -1.59 -7.00
N VAL A 32 21.16 -1.95 -5.71
CA VAL A 32 20.24 -1.37 -4.75
C VAL A 32 20.82 -1.37 -3.35
N ASP A 33 20.50 -0.31 -2.60
CA ASP A 33 20.82 -0.23 -1.20
C ASP A 33 19.63 0.44 -0.53
N VAL A 34 19.03 -0.22 0.46
CA VAL A 34 17.97 0.39 1.24
C VAL A 34 18.47 0.57 2.67
N ALA A 35 18.51 1.81 3.13
CA ALA A 35 18.92 2.11 4.50
C ALA A 35 17.74 2.69 5.24
N VAL A 36 17.54 2.25 6.48
CA VAL A 36 16.45 2.76 7.30
C VAL A 36 17.01 3.51 8.50
N HIS A 37 16.47 4.70 8.76
CA HIS A 37 16.99 5.57 9.80
C HIS A 37 15.93 5.90 10.81
N ASP A 38 16.28 5.77 12.09
CA ASP A 38 15.41 6.21 13.16
C ASP A 38 15.42 7.73 13.23
N LEU A 39 14.27 8.37 13.01
CA LEU A 39 14.17 9.82 13.08
C LEU A 39 14.70 10.37 14.40
N ARG A 40 14.64 9.59 15.46
CA ARG A 40 15.03 10.14 16.76
C ARG A 40 16.53 10.41 16.87
N ARG A 41 17.29 9.90 15.92
CA ARG A 41 18.70 10.23 15.82
C ARG A 41 18.91 11.75 15.68
N TRP A 42 17.90 12.44 15.15
CA TRP A 42 18.02 13.87 14.92
C TRP A 42 17.21 14.74 15.92
N THR A 43 16.75 14.14 17.01
CA THR A 43 16.04 14.92 18.03
C THR A 43 17.04 15.78 18.83
N HIS A 44 16.53 16.83 19.48
CA HIS A 44 17.38 17.82 20.14
C HIS A 44 17.47 17.65 21.63
N ASP A 45 16.59 16.83 22.18
CA ASP A 45 16.38 16.84 23.62
C ASP A 45 16.47 15.45 24.20
N VAL A 46 16.61 15.41 25.53
CA VAL A 46 16.80 14.14 26.22
C VAL A 46 15.54 13.25 26.10
N HIS A 47 14.38 13.86 25.87
CA HIS A 47 13.14 13.08 25.74
C HIS A 47 12.91 12.63 24.29
N LYS A 48 13.87 12.95 23.42
CA LYS A 48 13.83 12.56 22.00
C LYS A 48 12.48 12.89 21.38
N SER A 49 12.08 14.16 21.50
CA SER A 49 10.77 14.61 21.09
C SER A 49 10.65 14.76 19.58
N VAL A 50 9.65 14.13 18.98
CA VAL A 50 9.46 14.27 17.54
C VAL A 50 8.14 14.96 17.20
N ASP A 51 7.32 15.24 18.21
CA ASP A 51 5.99 15.78 17.95
C ASP A 51 5.68 16.93 18.89
N ASP A 52 4.67 17.73 18.55
CA ASP A 52 4.30 18.91 19.33
C ASP A 52 2.88 19.30 18.90
N SER A 53 2.22 20.14 19.68
CA SER A 53 0.81 20.47 19.42
C SER A 53 0.58 21.26 18.15
N PRO A 54 -0.57 21.03 17.49
CA PRO A 54 -0.83 21.74 16.23
C PRO A 54 -1.23 23.21 16.43
N TYR A 55 -0.62 24.09 15.65
CA TYR A 55 -1.10 25.48 15.60
C TYR A 55 -2.51 25.50 15.04
N GLY A 56 -3.35 26.35 15.63
CA GLY A 56 -4.74 26.45 15.19
C GLY A 56 -5.64 25.44 15.87
N GLY A 57 -5.06 24.62 16.72
CA GLY A 57 -5.82 23.65 17.49
C GLY A 57 -6.17 22.41 16.71
N GLY A 58 -6.98 21.55 17.31
CA GLY A 58 -7.38 20.32 16.66
C GLY A 58 -6.77 19.12 17.35
N PRO A 59 -7.12 17.92 16.89
CA PRO A 59 -6.72 16.69 17.55
C PRO A 59 -5.28 16.33 17.21
N GLY A 60 -4.65 15.56 18.08
CA GLY A 60 -3.40 14.91 17.74
C GLY A 60 -2.21 15.84 17.83
N MET A 61 -1.12 15.39 17.22
CA MET A 61 0.14 16.09 17.29
C MET A 61 0.72 16.17 15.90
N VAL A 62 1.69 17.06 15.73
CA VAL A 62 2.33 17.30 14.45
C VAL A 62 3.83 17.04 14.60
N MET A 63 4.46 16.43 13.59
CA MET A 63 5.88 16.20 13.74
C MET A 63 6.69 17.49 13.55
N LYS A 64 7.70 17.65 14.40
CA LYS A 64 8.46 18.89 14.51
C LYS A 64 9.31 19.17 13.28
N PRO A 65 9.26 20.41 12.78
CA PRO A 65 10.07 20.72 11.60
C PRO A 65 11.57 20.72 11.89
N THR A 66 11.98 21.10 13.08
CA THR A 66 13.40 21.22 13.35
C THR A 66 14.09 19.85 13.30
N VAL A 67 13.42 18.82 13.80
CA VAL A 67 13.96 17.46 13.78
C VAL A 67 14.05 16.94 12.34
N TRP A 68 12.95 17.05 11.61
CA TRP A 68 12.92 16.60 10.22
C TRP A 68 13.90 17.39 9.37
N GLY A 69 14.00 18.69 9.62
CA GLY A 69 14.91 19.52 8.83
C GLY A 69 16.34 19.03 8.93
N ASP A 70 16.76 18.71 10.15
CA ASP A 70 18.11 18.21 10.37
C ASP A 70 18.32 16.86 9.70
N ALA A 71 17.32 15.98 9.81
CA ALA A 71 17.42 14.65 9.22
C ALA A 71 17.59 14.75 7.71
N LEU A 72 16.74 15.53 7.09
CA LEU A 72 16.81 15.64 5.63
C LEU A 72 18.05 16.37 5.18
N ASP A 73 18.52 17.36 5.96
CA ASP A 73 19.76 18.06 5.63
C ASP A 73 20.91 17.06 5.53
N GLU A 74 20.94 16.11 6.45
CA GLU A 74 22.04 15.14 6.47
C GLU A 74 21.94 14.12 5.34
N ILE A 75 20.71 13.67 5.08
CA ILE A 75 20.48 12.54 4.19
CA ILE A 75 20.50 12.54 4.19
C ILE A 75 20.32 12.94 2.72
N CYS A 76 19.69 14.08 2.46
CA CYS A 76 19.40 14.46 1.09
C CYS A 76 20.50 15.24 0.42
N THR A 77 20.52 15.18 -0.90
CA THR A 77 21.33 16.09 -1.70
C THR A 77 20.41 16.76 -2.71
N SER A 78 20.97 17.65 -3.53
CA SER A 78 20.19 18.29 -4.57
C SER A 78 19.60 17.28 -5.56
N GLU A 79 20.15 16.07 -5.63
CA GLU A 79 19.72 15.09 -6.61
C GLU A 79 18.64 14.15 -6.08
N THR A 80 18.40 14.24 -4.78
CA THR A 80 17.42 13.39 -4.11
C THR A 80 16.01 13.62 -4.64
N LEU A 81 15.26 12.54 -4.80
CA LEU A 81 13.81 12.64 -4.96
C LEU A 81 13.21 12.37 -3.59
N LEU A 82 12.66 13.41 -2.97
CA LEU A 82 12.10 13.27 -1.62
C LEU A 82 10.66 12.86 -1.75
N VAL A 83 10.35 11.68 -1.24
CA VAL A 83 9.00 11.13 -1.29
C VAL A 83 8.37 11.23 0.09
N VAL A 84 7.21 11.88 0.16
CA VAL A 84 6.51 12.06 1.44
C VAL A 84 5.11 11.44 1.35
N PRO A 85 4.95 10.21 1.89
CA PRO A 85 3.59 9.67 1.91
C PRO A 85 2.66 10.55 2.72
N THR A 86 1.43 10.72 2.23
CA THR A 86 0.42 11.48 2.95
C THR A 86 -0.95 11.17 2.36
N PRO A 87 -1.99 11.12 3.20
CA PRO A 87 -3.31 10.87 2.64
C PRO A 87 -3.77 12.01 1.72
N ALA A 88 -3.09 13.16 1.78
CA ALA A 88 -3.45 14.29 0.94
C ALA A 88 -2.57 14.36 -0.30
N GLY A 89 -1.87 13.27 -0.60
CA GLY A 89 -0.94 13.31 -1.71
C GLY A 89 -1.56 13.12 -3.08
N TYR A 90 -0.79 13.46 -4.10
CA TYR A 90 -1.11 13.02 -5.46
C TYR A 90 -1.13 11.50 -5.48
N PRO A 91 -1.93 10.90 -6.37
CA PRO A 91 -1.97 9.44 -6.43
C PRO A 91 -0.66 8.82 -6.86
N PHE A 92 -0.19 7.85 -6.08
CA PHE A 92 0.92 7.01 -6.50
C PHE A 92 0.35 5.91 -7.37
N THR A 93 0.79 5.88 -8.63
CA THR A 93 0.32 4.87 -9.57
C THR A 93 1.50 4.17 -10.22
N GLN A 94 1.19 3.21 -11.09
CA GLN A 94 2.23 2.50 -11.79
C GLN A 94 3.08 3.43 -12.65
N GLU A 95 2.47 4.49 -13.18
CA GLU A 95 3.25 5.46 -13.94
C GLU A 95 4.26 6.15 -13.02
N THR A 96 3.85 6.45 -11.79
CA THR A 96 4.76 7.02 -10.81
C THR A 96 5.93 6.07 -10.54
N ALA A 97 5.60 4.79 -10.32
CA ALA A 97 6.61 3.77 -10.03
C ALA A 97 7.62 3.68 -11.15
N TRP A 98 7.13 3.68 -12.39
CA TRP A 98 8.00 3.64 -13.57
C TRP A 98 8.93 4.84 -13.61
N GLN A 99 8.37 6.03 -13.38
CA GLN A 99 9.16 7.26 -13.41
C GLN A 99 10.26 7.24 -12.36
N TRP A 100 9.91 6.75 -11.17
CA TRP A 100 10.85 6.76 -10.06
C TRP A 100 11.89 5.65 -10.14
N SER A 101 11.62 4.63 -10.96
CA SER A 101 12.50 3.47 -11.01
C SER A 101 13.87 3.79 -11.59
N THR A 102 14.01 4.94 -12.25
CA THR A 102 15.31 5.30 -12.82
C THR A 102 16.07 6.30 -11.94
N GLU A 103 15.49 6.65 -10.79
CA GLU A 103 16.14 7.61 -9.89
C GLU A 103 17.39 7.04 -9.24
N ASP A 104 18.37 7.90 -8.97
CA ASP A 104 19.57 7.49 -8.26
C ASP A 104 19.35 7.39 -6.75
N HIS A 105 18.49 8.26 -6.23
CA HIS A 105 18.36 8.41 -4.79
C HIS A 105 16.94 8.80 -4.40
N LEU A 106 16.22 7.88 -3.76
CA LEU A 106 14.93 8.20 -3.16
C LEU A 106 15.11 8.34 -1.67
N VAL A 107 14.51 9.37 -1.08
CA VAL A 107 14.44 9.45 0.38
C VAL A 107 12.96 9.46 0.72
N ILE A 108 12.54 8.53 1.57
CA ILE A 108 11.13 8.46 1.93
C ILE A 108 10.94 8.90 3.36
N ALA A 109 10.23 10.01 3.54
CA ALA A 109 10.02 10.57 4.86
C ALA A 109 8.69 10.10 5.41
N CYS A 110 8.73 9.20 6.39
CA CYS A 110 7.51 8.60 6.95
C CYS A 110 6.97 9.38 8.13
N GLY A 111 5.78 9.95 7.96
CA GLY A 111 5.14 10.64 9.06
C GLY A 111 4.34 9.71 9.95
N ARG A 112 4.09 10.21 11.16
CA ARG A 112 3.17 9.60 12.11
C ARG A 112 2.37 10.74 12.73
N TYR A 113 1.54 10.41 13.73
CA TYR A 113 0.65 11.41 14.34
C TYR A 113 -0.21 12.04 13.24
N GLU A 114 -0.31 13.37 13.22
CA GLU A 114 -1.14 14.00 12.20
C GLU A 114 -0.36 14.29 10.92
N GLY A 115 0.94 14.02 10.95
CA GLY A 115 1.77 14.28 9.79
C GLY A 115 2.93 15.17 10.14
N ILE A 116 3.62 15.67 9.11
CA ILE A 116 4.82 16.47 9.30
C ILE A 116 4.50 17.93 9.03
N ASP A 117 5.02 18.82 9.89
CA ASP A 117 4.90 20.26 9.66
C ASP A 117 5.16 20.55 8.17
N GLN A 118 4.23 21.28 7.55
CA GLN A 118 4.28 21.46 6.09
C GLN A 118 5.52 22.21 5.63
N ARG A 119 6.16 22.96 6.52
CA ARG A 119 7.36 23.70 6.11
C ARG A 119 8.51 22.79 5.77
N VAL A 120 8.50 21.56 6.30
CA VAL A 120 9.60 20.64 5.98
C VAL A 120 9.63 20.33 4.48
N ALA A 121 8.49 19.93 3.93
CA ALA A 121 8.39 19.66 2.51
C ALA A 121 8.57 20.93 1.70
N ASP A 122 7.97 22.03 2.17
CA ASP A 122 8.04 23.29 1.42
C ASP A 122 9.48 23.80 1.35
N ASP A 123 10.22 23.72 2.47
CA ASP A 123 11.63 24.10 2.45
C ASP A 123 12.43 23.15 1.56
N ALA A 124 12.19 21.84 1.68
CA ALA A 124 12.96 20.88 0.90
C ALA A 124 12.76 21.16 -0.58
N ALA A 125 11.54 21.53 -0.94
CA ALA A 125 11.21 21.75 -2.35
C ALA A 125 11.94 22.94 -2.97
N THR A 126 12.58 23.78 -2.15
CA THR A 126 13.36 24.88 -2.72
C THR A 126 14.76 24.43 -3.16
N ARG A 127 15.14 23.18 -2.87
CA ARG A 127 16.48 22.76 -3.29
C ARG A 127 16.55 21.32 -3.81
N MET A 128 15.41 20.63 -3.82
CA MET A 128 15.34 19.29 -4.39
C MET A 128 13.92 19.02 -4.88
N ARG A 129 13.76 17.95 -5.65
CA ARG A 129 12.42 17.54 -6.10
C ARG A 129 11.68 16.83 -4.97
N VAL A 130 10.46 17.27 -4.71
CA VAL A 130 9.66 16.71 -3.62
C VAL A 130 8.35 16.17 -4.19
N ARG A 131 7.93 15.00 -3.69
CA ARG A 131 6.69 14.38 -4.16
C ARG A 131 5.84 13.94 -2.99
N GLU A 132 4.71 14.62 -2.79
CA GLU A 132 3.75 14.19 -1.79
C GLU A 132 2.76 13.25 -2.46
N VAL A 133 2.68 12.01 -1.98
CA VAL A 133 1.87 11.02 -2.68
C VAL A 133 1.07 10.17 -1.72
N SER A 134 -0.03 9.61 -2.23
CA SER A 134 -0.84 8.68 -1.46
C SER A 134 -0.97 7.35 -2.21
N ILE A 135 -0.92 6.23 -1.48
CA ILE A 135 -1.02 4.93 -2.14
C ILE A 135 -2.47 4.44 -2.30
N GLY A 136 -3.43 5.17 -1.75
CA GLY A 136 -4.81 4.76 -1.95
C GLY A 136 -5.79 5.49 -1.08
N ASP A 137 -7.07 5.24 -1.34
CA ASP A 137 -8.11 5.97 -0.64
C ASP A 137 -8.62 5.28 0.61
N TYR A 138 -7.73 5.17 1.57
CA TYR A 138 -7.99 4.62 2.88
C TYR A 138 -7.01 5.33 3.79
N VAL A 139 -7.24 5.20 5.09
CA VAL A 139 -6.43 5.92 6.08
C VAL A 139 -5.56 4.94 6.86
N LEU A 140 -4.27 5.23 6.88
CA LEU A 140 -3.30 4.47 7.65
C LEU A 140 -2.89 5.24 8.90
N ASN A 141 -2.05 4.62 9.73
CA ASN A 141 -1.55 5.31 10.94
C ASN A 141 -0.34 6.19 10.66
N GLY A 142 0.30 6.00 9.51
CA GLY A 142 1.51 6.75 9.23
C GLY A 142 2.05 6.28 7.91
N GLY A 143 3.21 6.80 7.52
CA GLY A 143 3.71 6.56 6.19
C GLY A 143 4.44 5.24 5.96
N GLU A 144 4.69 4.45 7.01
CA GLU A 144 5.55 3.29 6.84
C GLU A 144 4.94 2.24 5.90
N ALA A 145 3.66 1.93 6.06
CA ALA A 145 3.07 0.93 5.16
C ALA A 145 3.07 1.43 3.72
N ALA A 146 2.89 2.74 3.55
CA ALA A 146 2.98 3.34 2.22
C ALA A 146 4.39 3.18 1.65
N ALA A 147 5.40 3.40 2.49
CA ALA A 147 6.78 3.22 2.07
C ALA A 147 7.03 1.79 1.58
N LEU A 148 6.48 0.81 2.29
CA LEU A 148 6.66 -0.59 1.88
C LEU A 148 6.13 -0.82 0.49
N VAL A 149 4.95 -0.26 0.24
CA VAL A 149 4.29 -0.42 -1.04
C VAL A 149 5.06 0.28 -2.13
N ILE A 150 5.46 1.52 -1.85
CA ILE A 150 6.20 2.30 -2.84
C ILE A 150 7.53 1.63 -3.17
N ILE A 151 8.24 1.18 -2.16
CA ILE A 151 9.55 0.56 -2.38
C ILE A 151 9.39 -0.70 -3.23
N GLU A 152 8.41 -1.53 -2.90
CA GLU A 152 8.20 -2.74 -3.68
C GLU A 152 7.79 -2.44 -5.12
N ALA A 153 6.86 -1.52 -5.32
CA ALA A 153 6.37 -1.19 -6.66
C ALA A 153 7.47 -0.58 -7.51
N VAL A 154 8.34 0.22 -6.89
CA VAL A 154 9.43 0.83 -7.63
C VAL A 154 10.55 -0.14 -7.91
N LEU A 155 10.98 -0.89 -6.90
CA LEU A 155 12.18 -1.71 -7.08
C LEU A 155 11.94 -2.89 -7.99
N ARG A 156 10.70 -3.36 -8.09
CA ARG A 156 10.43 -4.50 -8.95
C ARG A 156 10.54 -4.09 -10.42
N LEU A 157 10.59 -2.78 -10.68
CA LEU A 157 10.79 -2.26 -12.04
C LEU A 157 12.26 -2.00 -12.36
N VAL A 158 13.14 -2.19 -11.38
CA VAL A 158 14.58 -2.09 -11.63
C VAL A 158 15.09 -3.49 -11.95
N PRO A 159 15.55 -3.69 -13.18
CA PRO A 159 15.95 -5.00 -13.67
C PRO A 159 16.89 -5.74 -12.71
N GLY A 160 16.42 -6.87 -12.18
CA GLY A 160 17.24 -7.74 -11.35
C GLY A 160 17.33 -7.38 -9.88
N VAL A 161 16.40 -6.55 -9.39
CA VAL A 161 16.48 -6.13 -8.00
C VAL A 161 15.68 -7.01 -7.03
N LEU A 162 14.40 -7.25 -7.33
CA LEU A 162 13.59 -8.04 -6.40
C LEU A 162 13.40 -9.49 -6.87
N SER A 179 -7.19 1.07 -19.56
CA SER A 179 -6.60 -0.27 -19.42
C SER A 179 -7.64 -1.26 -18.90
N LEU A 180 -7.30 -2.54 -18.97
CA LEU A 180 -8.21 -3.59 -18.52
C LEU A 180 -7.57 -4.40 -17.39
N LEU A 181 -8.41 -5.01 -16.57
CA LEU A 181 -7.94 -5.89 -15.52
C LEU A 181 -7.59 -7.27 -16.06
N GLU A 182 -6.59 -7.90 -15.45
CA GLU A 182 -6.26 -9.29 -15.78
C GLU A 182 -7.41 -10.21 -15.38
N GLY A 183 -7.75 -11.17 -16.23
CA GLY A 183 -8.81 -12.10 -15.91
C GLY A 183 -8.30 -13.27 -15.07
N PRO A 184 -9.15 -14.29 -14.91
CA PRO A 184 -8.80 -15.43 -14.04
C PRO A 184 -7.68 -16.27 -14.61
N SER A 185 -6.88 -16.86 -13.73
CA SER A 185 -5.81 -17.77 -14.13
CA SER A 185 -5.85 -17.79 -14.17
C SER A 185 -6.06 -19.15 -13.54
N TYR A 186 -5.54 -20.18 -14.20
CA TYR A 186 -5.75 -21.57 -13.78
C TYR A 186 -4.48 -22.37 -13.95
N THR A 187 -4.28 -23.36 -13.09
CA THR A 187 -3.22 -24.34 -13.34
C THR A 187 -3.68 -25.70 -12.86
N ARG A 188 -2.78 -26.69 -12.83
CA ARG A 188 -3.15 -28.03 -12.40
C ARG A 188 -3.72 -28.08 -10.99
N PRO A 189 -4.67 -29.00 -10.76
CA PRO A 189 -5.21 -30.02 -11.67
C PRO A 189 -6.36 -29.52 -12.55
N PRO A 190 -6.62 -30.20 -13.67
CA PRO A 190 -7.65 -29.73 -14.60
C PRO A 190 -9.07 -29.74 -13.99
N SER A 191 -9.30 -30.61 -13.00
CA SER A 191 -10.57 -30.62 -12.27
CA SER A 191 -10.56 -30.64 -12.27
C SER A 191 -10.28 -30.61 -10.78
N TRP A 192 -10.97 -29.74 -10.06
CA TRP A 192 -10.73 -29.60 -8.62
C TRP A 192 -11.99 -29.19 -7.92
N ARG A 193 -12.40 -29.98 -6.94
CA ARG A 193 -13.63 -29.74 -6.18
C ARG A 193 -14.82 -29.45 -7.09
N GLY A 194 -14.89 -30.20 -8.19
CA GLY A 194 -16.03 -30.12 -9.08
C GLY A 194 -15.95 -28.97 -10.06
N MET A 195 -14.84 -28.24 -10.03
CA MET A 195 -14.66 -27.10 -10.93
C MET A 195 -13.59 -27.41 -11.96
N ASP A 196 -13.98 -27.43 -13.23
CA ASP A 196 -13.06 -27.68 -14.33
C ASP A 196 -12.42 -26.38 -14.80
N VAL A 197 -11.15 -26.46 -15.19
CA VAL A 197 -10.54 -25.36 -15.92
C VAL A 197 -11.32 -25.14 -17.21
N PRO A 198 -11.59 -23.88 -17.57
CA PRO A 198 -12.30 -23.63 -18.83
C PRO A 198 -11.66 -24.37 -20.00
N PRO A 199 -12.43 -25.25 -20.67
CA PRO A 199 -11.90 -26.10 -21.74
C PRO A 199 -11.17 -25.34 -22.83
N VAL A 200 -11.56 -24.09 -23.08
CA VAL A 200 -10.92 -23.33 -24.15
C VAL A 200 -9.41 -23.23 -23.90
N LEU A 201 -9.00 -23.17 -22.63
CA LEU A 201 -7.58 -23.04 -22.29
C LEU A 201 -6.78 -24.28 -22.64
N LEU A 202 -7.45 -25.42 -22.79
CA LEU A 202 -6.75 -26.66 -23.14
C LEU A 202 -6.94 -27.01 -24.61
N SER A 203 -7.51 -26.10 -25.37
CA SER A 203 -7.91 -26.38 -26.76
C SER A 203 -6.80 -26.33 -27.79
N GLY A 204 -5.71 -25.64 -27.46
CA GLY A 204 -4.65 -25.46 -28.44
C GLY A 204 -5.05 -24.51 -29.56
N ASP A 205 -6.15 -23.78 -29.36
CA ASP A 205 -6.55 -22.74 -30.29
C ASP A 205 -6.14 -21.42 -29.68
N HIS A 206 -4.94 -20.96 -29.98
CA HIS A 206 -4.40 -19.84 -29.21
C HIS A 206 -5.00 -18.50 -29.58
N ALA A 207 -5.56 -18.38 -30.79
CA ALA A 207 -6.30 -17.16 -31.11
C ALA A 207 -7.59 -17.11 -30.31
N LYS A 208 -8.27 -18.25 -30.21
CA LYS A 208 -9.50 -18.31 -29.42
C LYS A 208 -9.23 -18.07 -27.94
N ILE A 209 -8.14 -18.65 -27.43
CA ILE A 209 -7.76 -18.44 -26.04
C ILE A 209 -7.54 -16.94 -25.78
N ALA A 210 -6.85 -16.27 -26.69
CA ALA A 210 -6.61 -14.83 -26.50
C ALA A 210 -7.91 -14.04 -26.48
N ALA A 211 -8.86 -14.42 -27.35
CA ALA A 211 -10.15 -13.72 -27.41
C ALA A 211 -10.95 -14.00 -26.15
N TRP A 212 -10.86 -15.23 -25.65
CA TRP A 212 -11.56 -15.59 -24.41
C TRP A 212 -11.00 -14.77 -23.26
N ARG A 213 -9.68 -14.69 -23.18
CA ARG A 213 -9.06 -13.92 -22.12
C ARG A 213 -9.41 -12.44 -22.21
N ALA A 214 -9.46 -11.92 -23.43
CA ALA A 214 -9.82 -10.52 -23.62
C ALA A 214 -11.23 -10.24 -23.12
N GLU A 215 -12.16 -11.16 -23.40
CA GLU A 215 -13.55 -10.99 -22.96
C GLU A 215 -13.66 -11.12 -21.44
N GLN A 216 -12.92 -12.07 -20.86
CA GLN A 216 -12.88 -12.18 -19.40
C GLN A 216 -12.40 -10.87 -18.77
N SER A 217 -11.34 -10.31 -19.34
CA SER A 217 -10.78 -9.05 -18.87
CA SER A 217 -10.80 -9.05 -18.85
C SER A 217 -11.81 -7.91 -19.00
N ARG A 218 -12.46 -7.85 -20.16
CA ARG A 218 -13.49 -6.86 -20.38
C ARG A 218 -14.59 -6.95 -19.33
N GLN A 219 -15.10 -8.18 -19.12
CA GLN A 219 -16.18 -8.40 -18.17
C GLN A 219 -15.76 -8.00 -16.76
N ARG A 220 -14.57 -8.41 -16.38
CA ARG A 220 -14.08 -8.15 -15.02
C ARG A 220 -13.89 -6.65 -14.81
N THR A 221 -13.44 -5.95 -15.84
CA THR A 221 -13.21 -4.53 -15.69
C THR A 221 -14.55 -3.81 -15.54
N ILE A 222 -15.54 -4.21 -16.33
CA ILE A 222 -16.89 -3.63 -16.22
C ILE A 222 -17.47 -3.81 -14.82
N GLU A 223 -17.35 -5.02 -14.28
CA GLU A 223 -17.90 -5.36 -12.97
C GLU A 223 -17.14 -4.72 -11.82
N ARG A 224 -15.81 -4.76 -11.87
CA ARG A 224 -14.99 -4.36 -10.72
C ARG A 224 -14.44 -2.94 -10.79
N ARG A 225 -14.18 -2.45 -12.00
CA ARG A 225 -13.53 -1.16 -12.18
C ARG A 225 -14.13 -0.37 -13.34
N PRO A 226 -15.43 -0.05 -13.24
CA PRO A 226 -16.03 0.70 -14.36
C PRO A 226 -15.38 2.07 -14.57
N ASP A 227 -14.70 2.57 -13.54
CA ASP A 227 -13.99 3.84 -13.62
C ASP A 227 -12.85 3.82 -14.64
N LEU A 228 -12.46 2.63 -15.06
CA LEU A 228 -11.38 2.48 -16.05
C LEU A 228 -11.89 2.53 -17.48
N LEU A 229 -13.22 2.55 -17.63
CA LEU A 229 -13.84 2.55 -18.95
C LEU A 229 -14.61 3.84 -19.21
N SER B 2 -13.86 -7.28 18.84
CA SER B 2 -13.14 -8.54 18.81
C SER B 2 -12.93 -9.02 17.37
N MET B 3 -11.67 -9.17 16.97
CA MET B 3 -11.36 -9.65 15.63
C MET B 3 -10.14 -10.58 15.61
N LYS B 4 -10.26 -11.69 14.88
CA LYS B 4 -9.13 -12.54 14.56
C LYS B 4 -8.75 -12.31 13.11
N ILE B 5 -7.46 -12.07 12.84
CA ILE B 5 -6.97 -12.06 11.47
C ILE B 5 -5.94 -13.16 11.25
N ASP B 6 -6.20 -14.01 10.25
CA ASP B 6 -5.22 -15.01 9.82
C ASP B 6 -4.68 -14.64 8.45
N VAL B 7 -3.36 -14.62 8.32
CA VAL B 7 -2.73 -14.30 7.04
C VAL B 7 -2.01 -15.53 6.53
N VAL B 8 -2.26 -15.91 5.27
CA VAL B 8 -1.63 -17.10 4.70
C VAL B 8 -0.74 -16.68 3.56
N THR B 9 0.51 -17.16 3.56
CA THR B 9 1.54 -16.66 2.66
C THR B 9 2.67 -17.67 2.53
N ILE B 10 3.38 -17.68 1.40
CA ILE B 10 4.62 -18.47 1.29
C ILE B 10 5.82 -17.66 1.77
N PHE B 11 5.54 -16.42 2.17
CA PHE B 11 6.60 -15.54 2.68
CA PHE B 11 6.54 -15.46 2.61
C PHE B 11 6.23 -14.98 4.04
N PRO B 12 6.08 -15.89 5.03
CA PRO B 12 5.67 -15.43 6.36
C PRO B 12 6.66 -14.46 6.99
N GLU B 13 7.93 -14.58 6.61
CA GLU B 13 8.98 -13.70 7.12
C GLU B 13 8.69 -12.24 6.81
N TYR B 14 7.99 -12.00 5.70
CA TYR B 14 7.63 -10.64 5.32
C TYR B 14 6.66 -10.00 6.33
N LEU B 15 5.76 -10.77 6.92
CA LEU B 15 4.65 -10.20 7.69
C LEU B 15 5.00 -9.75 9.12
N GLN B 16 6.30 -9.75 9.45
CA GLN B 16 6.77 -9.38 10.80
C GLN B 16 6.18 -8.09 11.40
N PRO B 17 5.89 -7.06 10.57
CA PRO B 17 5.12 -5.95 11.15
C PRO B 17 3.69 -6.33 11.45
N GLY B 30 -5.80 -6.73 23.30
CA GLY B 30 -6.46 -8.02 23.48
C GLY B 30 -7.75 -8.13 22.70
N LEU B 31 -8.11 -7.05 22.00
CA LEU B 31 -9.34 -7.01 21.22
C LEU B 31 -9.13 -7.65 19.85
N VAL B 32 -7.88 -7.78 19.43
CA VAL B 32 -7.58 -8.33 18.12
C VAL B 32 -6.31 -9.19 18.14
N ASP B 33 -6.36 -10.31 17.43
CA ASP B 33 -5.20 -11.18 17.26
C ASP B 33 -4.90 -11.35 15.79
N VAL B 34 -3.62 -11.36 15.44
CA VAL B 34 -3.19 -11.57 14.07
C VAL B 34 -2.24 -12.76 14.02
N ALA B 35 -2.56 -13.75 13.20
CA ALA B 35 -1.68 -14.91 13.07
C ALA B 35 -1.24 -15.07 11.62
N VAL B 36 0.02 -15.42 11.44
CA VAL B 36 0.62 -15.62 10.12
C VAL B 36 0.94 -17.10 9.91
N HIS B 37 0.48 -17.63 8.78
CA HIS B 37 0.64 -19.04 8.45
C HIS B 37 1.43 -19.24 7.16
N ASP B 38 2.39 -20.16 7.20
CA ASP B 38 3.15 -20.55 6.03
C ASP B 38 2.32 -21.53 5.21
N LEU B 39 2.00 -21.15 3.98
CA LEU B 39 1.19 -21.99 3.10
C LEU B 39 1.82 -23.37 2.89
N ARG B 40 3.15 -23.42 2.89
CA ARG B 40 3.85 -24.66 2.59
C ARG B 40 3.63 -25.74 3.63
N ARG B 41 3.08 -25.36 4.78
CA ARG B 41 2.76 -26.33 5.83
CA ARG B 41 2.76 -26.33 5.83
C ARG B 41 1.70 -27.32 5.35
N TRP B 42 0.90 -26.92 4.37
CA TRP B 42 -0.17 -27.78 3.87
C TRP B 42 0.20 -28.57 2.61
N THR B 43 1.48 -28.60 2.28
CA THR B 43 1.94 -29.37 1.12
C THR B 43 2.25 -30.81 1.51
N SER B 49 5.82 -28.08 -3.78
CA SER B 49 5.65 -27.13 -4.88
C SER B 49 4.24 -26.56 -4.93
N VAL B 50 4.11 -25.26 -4.76
CA VAL B 50 2.80 -24.66 -4.65
C VAL B 50 2.33 -24.04 -5.97
N ASP B 51 3.14 -24.15 -7.02
CA ASP B 51 2.86 -23.43 -8.26
C ASP B 51 3.14 -24.26 -9.51
N ASP B 52 2.48 -23.90 -10.61
CA ASP B 52 2.78 -24.52 -11.90
C ASP B 52 2.40 -23.59 -13.04
N SER B 53 2.76 -23.95 -14.27
CA SER B 53 2.51 -23.09 -15.42
C SER B 53 1.02 -22.92 -15.69
N PRO B 54 0.63 -21.77 -16.25
CA PRO B 54 -0.81 -21.50 -16.45
C PRO B 54 -1.39 -22.32 -17.58
N TYR B 55 -2.56 -22.91 -17.36
CA TYR B 55 -3.31 -23.44 -18.48
C TYR B 55 -3.58 -22.32 -19.49
N GLY B 56 -3.44 -22.64 -20.77
CA GLY B 56 -3.65 -21.68 -21.83
C GLY B 56 -2.44 -20.84 -22.17
N GLY B 57 -1.36 -21.02 -21.41
CA GLY B 57 -0.12 -20.32 -21.69
C GLY B 57 0.01 -18.99 -21.02
N GLY B 58 1.14 -18.33 -21.23
CA GLY B 58 1.40 -17.07 -20.58
C GLY B 58 2.62 -17.16 -19.70
N PRO B 59 3.13 -16.00 -19.29
CA PRO B 59 4.36 -15.98 -18.51
C PRO B 59 4.12 -16.37 -17.06
N GLY B 60 5.17 -16.87 -16.42
CA GLY B 60 5.14 -17.07 -14.98
C GLY B 60 4.39 -18.30 -14.54
N MET B 61 4.04 -18.31 -13.27
CA MET B 61 3.41 -19.46 -12.66
C MET B 61 2.15 -19.05 -11.93
N VAL B 62 1.30 -20.02 -11.66
CA VAL B 62 0.05 -19.81 -10.94
C VAL B 62 0.07 -20.70 -9.71
N MET B 63 -0.42 -20.18 -8.59
CA MET B 63 -0.45 -21.04 -7.40
C MET B 63 -1.57 -22.07 -7.54
N LYS B 64 -1.23 -23.32 -7.26
CA LYS B 64 -2.17 -24.43 -7.40
C LYS B 64 -3.30 -24.28 -6.37
N PRO B 65 -4.52 -24.70 -6.72
CA PRO B 65 -5.66 -24.58 -5.81
C PRO B 65 -5.61 -25.60 -4.68
N THR B 66 -4.95 -26.73 -4.92
CA THR B 66 -4.96 -27.84 -3.98
C THR B 66 -4.45 -27.45 -2.58
N VAL B 67 -3.27 -26.85 -2.54
CA VAL B 67 -2.64 -26.48 -1.27
C VAL B 67 -3.46 -25.40 -0.57
N TRP B 68 -3.92 -24.43 -1.34
CA TRP B 68 -4.78 -23.38 -0.81
C TRP B 68 -6.07 -23.94 -0.21
N GLY B 69 -6.66 -24.91 -0.89
CA GLY B 69 -7.90 -25.50 -0.43
C GLY B 69 -7.72 -26.16 0.93
N ASP B 70 -6.61 -26.89 1.09
CA ASP B 70 -6.33 -27.56 2.35
C ASP B 70 -6.11 -26.55 3.47
N ALA B 71 -5.32 -25.52 3.18
CA ALA B 71 -5.07 -24.45 4.16
C ALA B 71 -6.36 -23.78 4.57
N LEU B 72 -7.17 -23.37 3.60
CA LEU B 72 -8.38 -22.61 3.92
C LEU B 72 -9.42 -23.48 4.62
N ASP B 73 -9.47 -24.76 4.26
CA ASP B 73 -10.34 -25.72 4.95
C ASP B 73 -10.10 -25.70 6.45
N GLU B 74 -8.83 -25.59 6.82
CA GLU B 74 -8.42 -25.69 8.22
C GLU B 74 -8.65 -24.38 8.97
N ILE B 75 -8.41 -23.28 8.27
CA ILE B 75 -8.40 -21.96 8.89
C ILE B 75 -9.77 -21.29 8.90
N CYS B 76 -10.52 -21.46 7.81
CA CYS B 76 -11.79 -20.76 7.65
C CYS B 76 -12.99 -21.48 8.21
N THR B 77 -14.01 -20.70 8.55
CA THR B 77 -15.35 -21.22 8.81
C THR B 77 -16.33 -20.50 7.90
N SER B 78 -17.61 -20.80 8.02
CA SER B 78 -18.62 -20.16 7.18
C SER B 78 -18.79 -18.68 7.53
N GLU B 79 -18.29 -18.28 8.70
CA GLU B 79 -18.43 -16.88 9.11
C GLU B 79 -17.22 -16.05 8.71
N THR B 80 -16.19 -16.71 8.19
CA THR B 80 -14.97 -16.04 7.75
C THR B 80 -15.23 -15.09 6.60
N LEU B 81 -14.59 -13.92 6.62
CA LEU B 81 -14.50 -13.08 5.44
C LEU B 81 -13.14 -13.35 4.81
N LEU B 82 -13.15 -14.01 3.65
CA LEU B 82 -11.91 -14.32 2.96
C LEU B 82 -11.49 -13.16 2.06
N VAL B 83 -10.36 -12.55 2.39
CA VAL B 83 -9.82 -11.42 1.64
C VAL B 83 -8.69 -11.88 0.75
N VAL B 84 -8.79 -11.58 -0.55
CA VAL B 84 -7.77 -11.99 -1.51
C VAL B 84 -7.24 -10.78 -2.25
N PRO B 85 -6.06 -10.27 -1.84
CA PRO B 85 -5.47 -9.15 -2.58
C PRO B 85 -5.15 -9.57 -4.01
N THR B 86 -5.43 -8.68 -4.94
CA THR B 86 -5.13 -8.93 -6.35
C THR B 86 -5.21 -7.61 -7.09
N PRO B 87 -4.31 -7.36 -8.05
CA PRO B 87 -4.40 -6.09 -8.78
C PRO B 87 -5.66 -5.98 -9.61
N ALA B 88 -6.33 -7.11 -9.80
CA ALA B 88 -7.59 -7.13 -10.55
C ALA B 88 -8.80 -7.11 -9.62
N GLY B 89 -8.58 -6.74 -8.36
CA GLY B 89 -9.68 -6.77 -7.42
C GLY B 89 -10.60 -5.55 -7.49
N TYR B 90 -11.72 -5.63 -6.77
CA TYR B 90 -12.51 -4.42 -6.49
C TYR B 90 -11.64 -3.48 -5.66
N PRO B 91 -11.86 -2.16 -5.75
CA PRO B 91 -11.01 -1.28 -4.95
C PRO B 91 -11.23 -1.42 -3.44
N PHE B 92 -10.13 -1.54 -2.70
CA PHE B 92 -10.17 -1.45 -1.25
C PHE B 92 -10.10 0.02 -0.89
N THR B 93 -11.14 0.53 -0.23
CA THR B 93 -11.19 1.93 0.17
C THR B 93 -11.52 2.06 1.64
N GLN B 94 -11.61 3.30 2.12
CA GLN B 94 -11.94 3.52 3.52
C GLN B 94 -13.33 2.95 3.83
N GLU B 95 -14.25 3.01 2.87
CA GLU B 95 -15.56 2.39 3.10
C GLU B 95 -15.40 0.89 3.32
N THR B 96 -14.53 0.25 2.56
CA THR B 96 -14.25 -1.15 2.76
C THR B 96 -13.70 -1.42 4.14
N ALA B 97 -12.77 -0.56 4.58
CA ALA B 97 -12.16 -0.69 5.90
C ALA B 97 -13.24 -0.61 7.00
N TRP B 98 -14.15 0.36 6.89
CA TRP B 98 -15.26 0.43 7.84
C TRP B 98 -16.10 -0.83 7.83
N GLN B 99 -16.38 -1.35 6.65
CA GLN B 99 -17.23 -2.54 6.55
C GLN B 99 -16.56 -3.73 7.23
N TRP B 100 -15.25 -3.86 7.05
CA TRP B 100 -14.56 -5.02 7.57
C TRP B 100 -14.25 -4.88 9.06
N SER B 101 -14.32 -3.65 9.58
CA SER B 101 -13.93 -3.38 10.96
C SER B 101 -14.81 -4.07 12.00
N THR B 102 -16.01 -4.49 11.59
CA THR B 102 -16.90 -5.16 12.54
C THR B 102 -16.97 -6.66 12.30
N GLU B 103 -16.04 -7.19 11.50
CA GLU B 103 -15.99 -8.63 11.28
C GLU B 103 -15.32 -9.34 12.44
N ASP B 104 -15.74 -10.59 12.68
CA ASP B 104 -15.11 -11.41 13.70
C ASP B 104 -13.83 -12.05 13.21
N HIS B 105 -13.78 -12.35 11.90
CA HIS B 105 -12.69 -13.16 11.40
C HIS B 105 -12.34 -12.87 9.95
N LEU B 106 -11.17 -12.26 9.76
CA LEU B 106 -10.62 -12.05 8.43
C LEU B 106 -9.53 -13.08 8.14
N VAL B 107 -9.58 -13.68 6.97
CA VAL B 107 -8.47 -14.51 6.51
C VAL B 107 -7.95 -13.89 5.23
N ILE B 108 -6.67 -13.52 5.22
CA ILE B 108 -6.09 -12.87 4.04
C ILE B 108 -5.18 -13.84 3.33
N ALA B 109 -5.61 -14.22 2.13
CA ALA B 109 -4.87 -15.17 1.30
C ALA B 109 -3.92 -14.43 0.38
N CYS B 110 -2.62 -14.45 0.69
CA CYS B 110 -1.63 -13.69 -0.08
C CYS B 110 -1.04 -14.52 -1.20
N GLY B 111 -1.22 -14.05 -2.44
CA GLY B 111 -0.62 -14.74 -3.56
C GLY B 111 0.79 -14.27 -3.86
N ARG B 112 1.50 -15.11 -4.60
CA ARG B 112 2.80 -14.79 -5.19
C ARG B 112 2.74 -15.30 -6.62
N TYR B 113 3.87 -15.28 -7.32
CA TYR B 113 3.92 -15.64 -8.74
C TYR B 113 2.92 -14.78 -9.50
N GLU B 114 2.10 -15.37 -10.37
CA GLU B 114 1.12 -14.56 -11.08
C GLU B 114 -0.24 -14.59 -10.40
N GLY B 115 -0.30 -15.18 -9.23
CA GLY B 115 -1.55 -15.18 -8.49
C GLY B 115 -2.03 -16.57 -8.18
N ILE B 116 -3.26 -16.65 -7.70
CA ILE B 116 -3.84 -17.89 -7.21
C ILE B 116 -4.89 -18.37 -8.19
N ASP B 117 -4.88 -19.68 -8.49
CA ASP B 117 -5.90 -20.31 -9.32
C ASP B 117 -7.28 -19.79 -8.92
N GLN B 118 -8.06 -19.33 -9.91
CA GLN B 118 -9.35 -18.68 -9.64
C GLN B 118 -10.33 -19.58 -8.88
N ARG B 119 -10.17 -20.89 -9.02
CA ARG B 119 -11.08 -21.81 -8.36
C ARG B 119 -10.99 -21.75 -6.84
N VAL B 120 -9.88 -21.25 -6.30
CA VAL B 120 -9.77 -21.14 -4.85
C VAL B 120 -10.84 -20.17 -4.33
N ALA B 121 -10.88 -18.97 -4.91
CA ALA B 121 -11.90 -17.99 -4.51
C ALA B 121 -13.30 -18.50 -4.83
N ASP B 122 -13.44 -19.13 -6.00
CA ASP B 122 -14.76 -19.59 -6.41
C ASP B 122 -15.31 -20.67 -5.49
N ASP B 123 -14.48 -21.65 -5.17
CA ASP B 123 -14.83 -22.70 -4.22
C ASP B 123 -15.15 -22.15 -2.85
N ALA B 124 -14.28 -21.27 -2.35
CA ALA B 124 -14.50 -20.66 -1.04
C ALA B 124 -15.84 -19.95 -0.99
N ALA B 125 -16.23 -19.32 -2.10
CA ALA B 125 -17.45 -18.51 -2.13
C ALA B 125 -18.73 -19.35 -1.99
N THR B 126 -18.60 -20.65 -2.16
CA THR B 126 -19.73 -21.55 -1.94
C THR B 126 -19.99 -21.80 -0.47
N ARG B 127 -19.07 -21.37 0.40
CA ARG B 127 -19.30 -21.62 1.82
C ARG B 127 -18.97 -20.46 2.74
N MET B 128 -18.33 -19.42 2.21
CA MET B 128 -18.08 -18.21 2.98
C MET B 128 -18.11 -16.99 2.08
N ARG B 129 -18.05 -15.80 2.66
CA ARG B 129 -17.95 -14.58 1.86
C ARG B 129 -16.53 -14.35 1.41
N VAL B 130 -16.36 -13.93 0.16
CA VAL B 130 -15.04 -13.78 -0.43
C VAL B 130 -14.94 -12.38 -1.01
N ARG B 131 -13.80 -11.74 -0.81
CA ARG B 131 -13.59 -10.39 -1.30
C ARG B 131 -12.26 -10.29 -2.03
N GLU B 132 -12.30 -10.16 -3.35
CA GLU B 132 -11.09 -9.91 -4.12
CA GLU B 132 -11.07 -9.92 -4.09
C GLU B 132 -10.92 -8.41 -4.28
N VAL B 133 -9.82 -7.89 -3.73
CA VAL B 133 -9.60 -6.45 -3.67
C VAL B 133 -8.20 -6.04 -4.02
N SER B 134 -8.10 -4.81 -4.52
CA SER B 134 -6.81 -4.17 -4.81
CA SER B 134 -6.81 -4.19 -4.80
C SER B 134 -6.62 -2.95 -3.96
N ILE B 135 -5.41 -2.74 -3.45
CA ILE B 135 -5.15 -1.56 -2.63
C ILE B 135 -4.74 -0.34 -3.44
N GLY B 136 -4.60 -0.47 -4.75
CA GLY B 136 -4.21 0.67 -5.55
C GLY B 136 -3.76 0.33 -6.96
N ASP B 137 -3.59 1.35 -7.78
CA ASP B 137 -3.30 1.12 -9.19
C ASP B 137 -1.80 1.13 -9.47
N TYR B 138 -1.15 0.09 -8.96
CA TYR B 138 0.28 -0.15 -9.14
C TYR B 138 0.47 -1.65 -8.96
N VAL B 139 1.62 -2.16 -9.36
CA VAL B 139 1.85 -3.61 -9.34
C VAL B 139 2.87 -3.97 -8.27
N LEU B 140 2.48 -4.92 -7.41
CA LEU B 140 3.38 -5.48 -6.40
C LEU B 140 3.88 -6.84 -6.86
N ASN B 141 4.76 -7.44 -6.07
CA ASN B 141 5.20 -8.80 -6.38
C ASN B 141 4.32 -9.88 -5.74
N GLY B 142 3.42 -9.47 -4.86
CA GLY B 142 2.55 -10.42 -4.20
C GLY B 142 1.64 -9.71 -3.23
N GLY B 143 0.82 -10.49 -2.54
CA GLY B 143 -0.24 -9.95 -1.69
C GLY B 143 0.17 -9.45 -0.31
N GLU B 144 1.40 -9.75 0.11
CA GLU B 144 1.83 -9.48 1.48
C GLU B 144 1.80 -8.00 1.85
N ALA B 145 2.34 -7.13 1.01
CA ALA B 145 2.32 -5.70 1.32
C ALA B 145 0.88 -5.19 1.37
N ALA B 146 0.04 -5.72 0.47
CA ALA B 146 -1.38 -5.36 0.48
C ALA B 146 -2.05 -5.82 1.77
N ALA B 147 -1.69 -7.02 2.24
CA ALA B 147 -2.19 -7.50 3.53
C ALA B 147 -1.83 -6.54 4.67
N LEU B 148 -0.58 -6.07 4.71
CA LEU B 148 -0.17 -5.15 5.77
C LEU B 148 -0.97 -3.85 5.71
N VAL B 149 -1.24 -3.36 4.51
CA VAL B 149 -2.04 -2.14 4.34
C VAL B 149 -3.47 -2.35 4.80
N ILE B 150 -4.07 -3.46 4.38
CA ILE B 150 -5.47 -3.76 4.73
C ILE B 150 -5.59 -3.92 6.23
N ILE B 151 -4.67 -4.67 6.83
CA ILE B 151 -4.71 -4.87 8.27
C ILE B 151 -4.63 -3.54 9.01
N GLU B 152 -3.69 -2.69 8.61
CA GLU B 152 -3.51 -1.42 9.32
C GLU B 152 -4.76 -0.54 9.18
N ALA B 153 -5.33 -0.48 7.99
CA ALA B 153 -6.49 0.37 7.74
C ALA B 153 -7.71 -0.12 8.50
N VAL B 154 -7.86 -1.44 8.61
CA VAL B 154 -9.01 -2.02 9.29
C VAL B 154 -8.87 -1.93 10.80
N LEU B 155 -7.69 -2.27 11.32
CA LEU B 155 -7.54 -2.38 12.77
C LEU B 155 -7.70 -1.06 13.48
N ARG B 156 -7.35 0.04 12.83
CA ARG B 156 -7.49 1.34 13.48
C ARG B 156 -8.97 1.78 13.60
N LEU B 157 -9.86 1.02 12.97
CA LEU B 157 -11.30 1.29 13.01
C LEU B 157 -12.09 0.33 13.92
N VAL B 158 -11.44 -0.73 14.39
CA VAL B 158 -12.13 -1.72 15.21
C VAL B 158 -12.61 -1.06 16.49
N PRO B 159 -13.87 -1.28 16.87
CA PRO B 159 -14.43 -0.63 18.06
C PRO B 159 -13.57 -0.89 19.29
N GLY B 160 -13.11 0.19 19.91
CA GLY B 160 -12.21 0.09 21.05
C GLY B 160 -10.75 0.22 20.67
N VAL B 161 -10.48 0.80 19.50
CA VAL B 161 -9.11 1.03 19.06
C VAL B 161 -8.91 2.46 18.57
N SER B 179 -14.09 12.83 0.86
CA SER B 179 -14.64 14.18 0.67
C SER B 179 -13.57 15.15 0.17
N LEU B 180 -12.82 15.75 1.10
CA LEU B 180 -11.73 16.63 0.75
C LEU B 180 -10.44 16.07 1.33
N LEU B 181 -9.33 16.46 0.72
CA LEU B 181 -8.02 16.04 1.22
C LEU B 181 -7.65 16.84 2.46
N GLU B 182 -6.87 16.22 3.35
CA GLU B 182 -6.37 16.91 4.53
C GLU B 182 -5.56 18.13 4.13
N GLY B 183 -5.68 19.21 4.87
CA GLY B 183 -4.83 20.37 4.66
C GLY B 183 -3.53 20.23 5.41
N PRO B 184 -2.69 21.27 5.35
CA PRO B 184 -1.38 21.25 6.00
C PRO B 184 -1.49 21.43 7.51
N SER B 185 -0.49 20.92 8.21
CA SER B 185 -0.39 21.05 9.66
CA SER B 185 -0.42 21.12 9.66
C SER B 185 0.91 21.77 10.02
N TYR B 186 0.93 22.43 11.16
CA TYR B 186 2.10 23.17 11.62
C TYR B 186 2.25 23.05 13.10
N THR B 187 3.49 23.14 13.58
CA THR B 187 3.72 23.23 15.01
C THR B 187 4.94 24.15 15.27
N ARG B 188 5.39 24.21 16.51
CA ARG B 188 6.44 25.18 16.88
C ARG B 188 7.81 24.87 16.27
N PRO B 189 8.64 25.89 16.01
CA PRO B 189 8.46 27.33 16.27
C PRO B 189 7.63 28.03 15.19
N PRO B 190 7.05 29.20 15.52
CA PRO B 190 6.17 29.89 14.57
C PRO B 190 6.91 30.42 13.35
N SER B 191 8.22 30.61 13.49
CA SER B 191 9.09 30.95 12.38
CA SER B 191 9.08 30.95 12.38
C SER B 191 10.23 29.95 12.34
N TRP B 192 10.43 29.32 11.18
CA TRP B 192 11.48 28.31 11.03
C TRP B 192 12.13 28.44 9.67
N ARG B 193 13.45 28.64 9.67
CA ARG B 193 14.19 28.90 8.43
C ARG B 193 13.58 30.04 7.65
N GLY B 194 13.00 31.00 8.34
CA GLY B 194 12.42 32.15 7.66
C GLY B 194 11.06 31.86 7.04
N MET B 195 10.48 30.71 7.38
CA MET B 195 9.14 30.33 6.91
C MET B 195 8.17 30.41 8.08
N ASP B 196 7.12 31.20 7.90
CA ASP B 196 6.15 31.44 8.97
C ASP B 196 4.98 30.47 8.92
N VAL B 197 4.55 30.02 10.10
CA VAL B 197 3.27 29.37 10.22
C VAL B 197 2.24 30.40 9.76
N PRO B 198 1.29 30.00 8.90
CA PRO B 198 0.24 30.94 8.47
C PRO B 198 -0.36 31.67 9.67
N PRO B 199 -0.33 33.02 9.65
CA PRO B 199 -0.71 33.82 10.80
C PRO B 199 -2.12 33.54 11.32
N VAL B 200 -3.05 33.16 10.45
CA VAL B 200 -4.41 32.87 10.90
C VAL B 200 -4.40 31.76 11.97
N LEU B 201 -3.45 30.83 11.88
CA LEU B 201 -3.43 29.71 12.82
C LEU B 201 -2.98 30.15 14.21
N LEU B 202 -2.42 31.34 14.30
CA LEU B 202 -2.00 31.89 15.58
C LEU B 202 -3.01 32.89 16.13
N SER B 203 -4.05 33.16 15.35
CA SER B 203 -5.01 34.23 15.69
C SER B 203 -5.98 33.86 16.82
N GLY B 204 -6.18 32.56 17.03
CA GLY B 204 -7.16 32.12 18.02
C GLY B 204 -8.61 32.27 17.55
N ASP B 205 -8.78 32.60 16.28
CA ASP B 205 -10.11 32.78 15.69
C ASP B 205 -10.58 31.48 15.04
N HIS B 206 -11.36 30.69 15.78
CA HIS B 206 -11.81 29.38 15.33
C HIS B 206 -12.50 29.43 13.96
N ALA B 207 -13.36 30.41 13.76
CA ALA B 207 -14.08 30.55 12.49
C ALA B 207 -13.12 30.83 11.33
N LYS B 208 -12.22 31.80 11.53
CA LYS B 208 -11.24 32.13 10.50
C LYS B 208 -10.32 30.93 10.21
N ILE B 209 -9.92 30.22 11.27
CA ILE B 209 -9.05 29.06 11.11
C ILE B 209 -9.77 27.93 10.36
N ALA B 210 -11.02 27.67 10.72
CA ALA B 210 -11.81 26.65 10.06
C ALA B 210 -11.95 26.96 8.56
N ALA B 211 -12.17 28.24 8.26
CA ALA B 211 -12.36 28.68 6.88
C ALA B 211 -11.08 28.55 6.07
N TRP B 212 -9.96 28.96 6.68
CA TRP B 212 -8.66 28.86 6.04
C TRP B 212 -8.32 27.41 5.74
N ARG B 213 -8.53 26.54 6.73
CA ARG B 213 -8.24 25.11 6.56
C ARG B 213 -9.11 24.49 5.48
N ALA B 214 -10.37 24.92 5.40
CA ALA B 214 -11.26 24.42 4.36
C ALA B 214 -10.76 24.84 2.99
N GLU B 215 -10.26 26.06 2.90
CA GLU B 215 -9.73 26.57 1.63
C GLU B 215 -8.46 25.83 1.21
N GLN B 216 -7.57 25.54 2.15
CA GLN B 216 -6.37 24.79 1.81
C GLN B 216 -6.75 23.41 1.31
N SER B 217 -7.71 22.80 2.00
CA SER B 217 -8.23 21.50 1.61
CA SER B 217 -8.18 21.49 1.58
C SER B 217 -8.82 21.54 0.20
N ARG B 218 -9.56 22.61 -0.10
CA ARG B 218 -10.18 22.74 -1.42
C ARG B 218 -9.11 22.85 -2.51
N GLN B 219 -8.13 23.72 -2.28
CA GLN B 219 -7.06 23.92 -3.25
C GLN B 219 -6.35 22.58 -3.50
N ARG B 220 -6.04 21.88 -2.42
CA ARG B 220 -5.35 20.60 -2.52
C ARG B 220 -6.15 19.55 -3.27
N THR B 221 -7.45 19.49 -2.99
CA THR B 221 -8.27 18.47 -3.61
C THR B 221 -8.41 18.73 -5.10
N ILE B 222 -8.69 19.98 -5.47
CA ILE B 222 -8.76 20.37 -6.88
C ILE B 222 -7.46 20.06 -7.64
N GLU B 223 -6.33 20.36 -7.00
CA GLU B 223 -5.03 20.20 -7.63
C GLU B 223 -4.62 18.74 -7.74
N ARG B 224 -4.84 18.00 -6.66
CA ARG B 224 -4.26 16.66 -6.55
C ARG B 224 -5.25 15.54 -6.81
N ARG B 225 -6.51 15.75 -6.42
CA ARG B 225 -7.51 14.70 -6.55
C ARG B 225 -8.83 15.26 -7.04
N PRO B 226 -8.83 15.85 -8.24
CA PRO B 226 -10.07 16.48 -8.70
C PRO B 226 -11.22 15.48 -8.87
N ASP B 227 -10.89 14.20 -9.03
CA ASP B 227 -11.92 13.17 -9.12
C ASP B 227 -12.79 13.11 -7.86
N LEU B 228 -12.22 13.44 -6.70
CA LEU B 228 -13.01 13.40 -5.47
C LEU B 228 -14.13 14.44 -5.46
N LEU B 229 -13.99 15.47 -6.28
CA LEU B 229 -15.01 16.52 -6.37
C LEU B 229 -15.79 16.39 -7.68
N GLY B 230 -15.63 15.23 -8.33
CA GLY B 230 -16.36 14.97 -9.56
C GLY B 230 -15.83 15.69 -10.79
N PHE B 231 -14.51 15.91 -10.85
CA PHE B 231 -13.91 16.46 -12.07
C PHE B 231 -13.01 15.42 -12.75
N ASP B 232 -12.69 15.66 -14.02
CA ASP B 232 -11.78 14.80 -14.76
C ASP B 232 -10.42 14.69 -14.08
N SER B 233 -9.82 13.51 -14.18
CA SER B 233 -8.46 13.30 -13.71
C SER B 233 -7.48 13.79 -14.78
N PRO B 234 -6.29 14.26 -14.36
CA PRO B 234 -5.28 14.75 -15.30
C PRO B 234 -4.84 13.71 -16.32
C10 JE8 C . -0.50 9.20 7.77
C13 JE8 C . -1.66 7.48 4.62
C15 JE8 C . -0.30 7.42 2.30
C17 JE8 C . -2.68 6.66 2.83
C21 JE8 C . 0.52 8.67 5.18
C22 JE8 C . 1.30 9.40 6.08
C24 JE8 C . 1.29 10.37 8.56
C01 JE8 C . -4.10 13.50 9.92
N02 JE8 C . -4.27 12.37 9.53
C03 JE8 C . -3.05 11.61 9.69
C04 JE8 C . -5.44 11.80 10.11
C05 JE8 C . -5.57 10.31 10.01
C06 JE8 C . -4.33 9.58 10.20
C07 JE8 C . -3.23 10.13 9.46
C08 JE8 C . -1.96 9.28 9.84
N09 JE8 C . -0.75 9.61 9.09
C11 JE8 C . -1.31 8.46 6.86
C12 JE8 C . -0.76 8.18 5.58
C14 JE8 C . -1.50 7.24 3.25
N16 JE8 C . 0.56 7.51 1.54
N18 JE8 C . -3.00 6.20 1.52
N19 JE8 C . -3.53 6.61 3.86
N20 JE8 C . -2.91 7.15 4.96
C23 JE8 C . 0.78 9.66 7.40
C25 JE8 C . 0.30 10.29 9.57
C10 JE8 D . 0.26 -9.91 -6.77
C13 JE8 D . -1.06 -6.43 -6.06
C15 JE8 D . -3.15 -5.91 -4.46
C17 JE8 D . -1.87 -4.36 -6.03
C21 JE8 D . -1.70 -8.72 -5.13
C22 JE8 D . -1.55 -10.11 -5.10
C24 JE8 D . -0.13 -12.09 -6.21
C01 JE8 D . 3.34 -9.38 -12.84
N02 JE8 D . 2.45 -9.85 -12.16
C03 JE8 D . 2.78 -9.78 -10.78
C04 JE8 D . 1.19 -9.25 -12.50
C05 JE8 D . 0.06 -9.61 -11.55
C06 JE8 D . 0.44 -9.62 -10.16
C07 JE8 D . 1.65 -10.32 -9.92
C08 JE8 D . 2.10 -10.21 -8.43
N09 JE8 D . 1.12 -10.74 -7.50
C11 JE8 D . 0.10 -8.50 -6.80
C12 JE8 D . -0.86 -7.90 -5.95
C14 JE8 D . -2.06 -5.63 -5.50
N16 JE8 D . -3.98 -6.05 -3.68
N18 JE8 D . -2.64 -3.20 -5.72
N19 JE8 D . -0.85 -4.42 -6.88
N20 JE8 D . -0.38 -5.69 -6.92
C23 JE8 D . -0.56 -10.72 -5.95
C25 JE8 D . 0.92 -12.04 -7.17
S SO4 E . -0.35 -27.20 -16.85
O1 SO4 E . -0.43 -28.57 -17.34
O2 SO4 E . 0.89 -27.06 -16.07
O3 SO4 E . -1.50 -26.87 -16.02
O4 SO4 E . -0.31 -26.26 -18.01
S SO4 F . -21.45 -11.95 -0.34
O1 SO4 F . -20.03 -12.28 -0.40
O2 SO4 F . -22.22 -13.15 0.01
O3 SO4 F . -21.89 -11.46 -1.65
O4 SO4 F . -21.68 -10.92 0.67
#